data_3GXB
#
_entry.id   3GXB
#
_cell.length_a   55.110
_cell.length_b   60.810
_cell.length_c   56.350
_cell.angle_alpha   90.00
_cell.angle_beta   99.09
_cell.angle_gamma   90.00
#
_symmetry.space_group_name_H-M   'P 1 21 1'
#
loop_
_entity.id
_entity.type
_entity.pdbx_description
1 polymer 'von Willebrand factor'
2 branched 2-acetamido-2-deoxy-beta-D-glucopyranose-(1-4)-2-acetamido-2-deoxy-beta-D-glucopyranose
3 non-polymer 2-acetamido-2-deoxy-beta-D-glucopyranose
4 non-polymer 'SULFATE ION'
5 water water
#
_entity_poly.entity_id   1
_entity_poly.type   'polypeptide(L)'
_entity_poly.pdbx_seq_one_letter_code
;MVLDVAFVLEGSDKIGEADFNRSKEFMEEVIQRMDVGQDSIHVTVLQYSYMVTVEYPFSEAQSKGDILQRVREIRYQGGN
RTNTGLALRYLSDHSFLVSQGDREQAPNLVYMVTGNPASDEIKRLPGDIQVVPIGVGPNANVQELERIGWPNAPILIQDF
ETLPREAPDLVLQRCCSPHHHHHH
;
_entity_poly.pdbx_strand_id   A,B
#
loop_
_chem_comp.id
_chem_comp.type
_chem_comp.name
_chem_comp.formula
NAG D-saccharide, beta linking 2-acetamido-2-deoxy-beta-D-glucopyranose 'C8 H15 N O6'
SO4 non-polymer 'SULFATE ION' 'O4 S -2'
#
# COMPACT_ATOMS: atom_id res chain seq x y z
N MET A 1 -24.93 11.83 -10.35
N MET A 1 -25.04 11.80 -10.06
CA MET A 1 -23.55 12.10 -9.86
CA MET A 1 -23.58 12.09 -10.00
C MET A 1 -22.74 10.82 -9.79
C MET A 1 -22.75 10.82 -9.87
N VAL A 2 -21.47 10.91 -10.19
CA VAL A 2 -20.57 9.75 -10.18
C VAL A 2 -19.60 9.84 -9.01
N LEU A 3 -19.75 8.94 -8.05
N LEU A 3 -19.68 8.87 -8.11
CA LEU A 3 -18.90 8.88 -6.86
CA LEU A 3 -18.94 8.90 -6.85
C LEU A 3 -18.67 7.43 -6.45
C LEU A 3 -18.72 7.48 -6.32
N ASP A 4 -17.49 7.18 -5.89
CA ASP A 4 -17.21 5.91 -5.21
C ASP A 4 -17.17 6.22 -3.71
N VAL A 5 -18.14 5.67 -2.97
CA VAL A 5 -18.24 5.94 -1.54
C VAL A 5 -18.01 4.66 -0.73
N ALA A 6 -17.11 4.76 0.24
CA ALA A 6 -16.84 3.66 1.15
C ALA A 6 -17.28 4.05 2.57
N PHE A 7 -18.09 3.19 3.18
CA PHE A 7 -18.40 3.32 4.59
C PHE A 7 -17.58 2.29 5.34
N VAL A 8 -16.90 2.74 6.39
CA VAL A 8 -16.08 1.86 7.21
C VAL A 8 -16.55 1.94 8.66
N LEU A 9 -17.10 0.85 9.16
N LEU A 9 -17.13 0.86 9.17
CA LEU A 9 -17.69 0.82 10.50
CA LEU A 9 -17.68 0.83 10.51
C LEU A 9 -16.82 0.01 11.46
C LEU A 9 -16.80 0.03 11.45
N GLU A 10 -16.41 0.63 12.57
CA GLU A 10 -15.71 -0.09 13.62
C GLU A 10 -16.72 -0.97 14.34
N GLY A 11 -16.40 -2.25 14.47
CA GLY A 11 -17.29 -3.22 15.12
C GLY A 11 -16.55 -4.04 16.15
N SER A 12 -15.67 -3.39 16.90
CA SER A 12 -14.90 -4.04 17.97
C SER A 12 -15.74 -4.20 19.25
N ASP A 13 -15.22 -4.97 20.19
CA ASP A 13 -15.80 -5.13 21.53
C ASP A 13 -16.03 -3.80 22.25
N LYS A 14 -15.12 -2.85 22.03
CA LYS A 14 -15.23 -1.52 22.65
C LYS A 14 -16.42 -0.73 22.13
N ILE A 15 -16.78 -0.96 20.88
CA ILE A 15 -18.01 -0.38 20.32
C ILE A 15 -19.22 -1.07 20.96
N GLY A 16 -19.28 -2.40 20.84
CA GLY A 16 -20.40 -3.17 21.39
C GLY A 16 -21.54 -3.26 20.39
N GLU A 17 -22.40 -4.26 20.57
CA GLU A 17 -23.51 -4.53 19.64
CA GLU A 17 -23.48 -4.50 19.61
C GLU A 17 -24.50 -3.37 19.55
N ALA A 18 -24.92 -2.85 20.70
CA ALA A 18 -25.90 -1.77 20.74
C ALA A 18 -25.45 -0.57 19.92
N ASP A 19 -24.24 -0.09 20.18
CA ASP A 19 -23.68 1.05 19.47
C ASP A 19 -23.39 0.74 17.99
N PHE A 20 -22.98 -0.49 17.70
CA PHE A 20 -22.80 -0.90 16.30
C PHE A 20 -24.10 -0.82 15.50
N ASN A 21 -25.21 -1.27 16.11
CA ASN A 21 -26.52 -1.14 15.50
C ASN A 21 -26.87 0.30 15.13
N ARG A 22 -26.52 1.24 16.01
N ARG A 22 -26.50 1.23 16.00
CA ARG A 22 -26.70 2.66 15.74
CA ARG A 22 -26.69 2.67 15.75
C ARG A 22 -25.84 3.13 14.57
C ARG A 22 -25.80 3.18 14.62
N SER A 23 -24.65 2.54 14.43
CA SER A 23 -23.77 2.82 13.29
C SER A 23 -24.42 2.36 11.98
N LYS A 24 -25.06 1.19 12.03
CA LYS A 24 -25.79 0.64 10.88
C LYS A 24 -26.98 1.53 10.52
N GLU A 25 -27.68 2.01 11.54
CA GLU A 25 -28.81 2.90 11.34
CA GLU A 25 -28.82 2.90 11.37
C GLU A 25 -28.37 4.18 10.66
N PHE A 26 -27.27 4.76 11.15
CA PHE A 26 -26.65 5.94 10.55
C PHE A 26 -26.37 5.73 9.07
N MET A 27 -25.73 4.59 8.76
CA MET A 27 -25.32 4.27 7.40
C MET A 27 -26.51 4.06 6.46
N GLU A 28 -27.54 3.37 6.96
CA GLU A 28 -28.78 3.18 6.22
C GLU A 28 -29.41 4.50 5.82
N GLU A 29 -29.47 5.43 6.77
CA GLU A 29 -30.01 6.77 6.53
C GLU A 29 -29.27 7.47 5.40
N VAL A 30 -27.94 7.33 5.37
CA VAL A 30 -27.14 7.96 4.33
C VAL A 30 -27.42 7.32 2.97
N ILE A 31 -27.30 6.01 2.90
CA ILE A 31 -27.46 5.27 1.64
C ILE A 31 -28.85 5.48 1.03
N GLN A 32 -29.88 5.46 1.88
CA GLN A 32 -31.26 5.66 1.44
C GLN A 32 -31.45 6.96 0.66
N ARG A 33 -30.71 8.00 1.03
CA ARG A 33 -30.86 9.32 0.41
C ARG A 33 -29.80 9.62 -0.64
N MET A 34 -28.97 8.62 -0.93
CA MET A 34 -27.94 8.72 -1.97
C MET A 34 -28.44 8.23 -3.33
N ASP A 35 -27.98 8.86 -4.39
CA ASP A 35 -28.30 8.42 -5.75
C ASP A 35 -27.44 7.22 -6.14
N VAL A 36 -27.70 6.09 -5.50
CA VAL A 36 -26.96 4.85 -5.75
C VAL A 36 -27.47 4.18 -7.02
N GLY A 37 -26.54 3.81 -7.90
CA GLY A 37 -26.87 3.15 -9.16
C GLY A 37 -25.62 2.71 -9.88
N GLN A 38 -25.77 1.80 -10.84
CA GLN A 38 -24.62 1.24 -11.56
C GLN A 38 -23.81 2.29 -12.32
N ASP A 39 -24.48 3.34 -12.80
N ASP A 39 -24.52 3.31 -12.82
CA ASP A 39 -23.82 4.43 -13.51
CA ASP A 39 -23.94 4.41 -13.59
C ASP A 39 -23.58 5.68 -12.66
C ASP A 39 -23.91 5.67 -12.75
N SER A 40 -24.11 5.69 -11.44
N SER A 40 -24.04 5.53 -11.44
CA SER A 40 -24.00 6.87 -10.57
CA SER A 40 -24.09 6.68 -10.55
C SER A 40 -23.13 6.62 -9.33
C SER A 40 -23.19 6.44 -9.34
N ILE A 41 -23.73 6.64 -8.14
CA ILE A 41 -22.96 6.43 -6.91
C ILE A 41 -22.78 4.94 -6.62
N HIS A 42 -21.54 4.52 -6.41
CA HIS A 42 -21.23 3.17 -5.96
C HIS A 42 -20.89 3.20 -4.48
N VAL A 43 -21.30 2.15 -3.76
CA VAL A 43 -21.09 2.07 -2.32
C VAL A 43 -20.42 0.75 -1.97
N THR A 44 -19.42 0.83 -1.10
CA THR A 44 -18.90 -0.35 -0.43
C THR A 44 -19.05 -0.16 1.08
N VAL A 45 -19.25 -1.25 1.79
CA VAL A 45 -19.37 -1.23 3.24
C VAL A 45 -18.38 -2.22 3.83
N LEU A 46 -17.55 -1.71 4.74
CA LEU A 46 -16.63 -2.56 5.50
C LEU A 46 -16.95 -2.47 6.98
N GLN A 47 -16.80 -3.60 7.67
CA GLN A 47 -16.78 -3.64 9.12
C GLN A 47 -15.38 -4.08 9.54
N TYR A 48 -14.84 -3.47 10.60
CA TYR A 48 -13.50 -3.85 11.05
C TYR A 48 -13.35 -3.87 12.56
N SER A 49 -12.51 -4.78 13.04
CA SER A 49 -12.02 -4.76 14.41
C SER A 49 -10.58 -5.27 14.35
N TYR A 50 -10.36 -6.53 14.70
N TYR A 50 -10.34 -6.53 14.69
CA TYR A 50 -9.06 -7.16 14.48
CA TYR A 50 -9.01 -7.10 14.57
C TYR A 50 -8.85 -7.38 12.98
C TYR A 50 -8.73 -7.46 13.10
N MET A 51 -9.87 -7.94 12.33
N MET A 51 -9.80 -7.68 12.35
CA MET A 51 -9.86 -8.18 10.90
CA MET A 51 -9.71 -7.96 10.93
C MET A 51 -10.83 -7.24 10.17
C MET A 51 -10.81 -7.22 10.18
N VAL A 52 -10.69 -7.16 8.86
CA VAL A 52 -11.63 -6.43 8.01
C VAL A 52 -12.60 -7.42 7.36
N THR A 53 -13.89 -7.10 7.43
CA THR A 53 -14.93 -7.84 6.73
C THR A 53 -15.55 -6.96 5.65
N VAL A 54 -15.61 -7.48 4.43
CA VAL A 54 -16.30 -6.81 3.33
C VAL A 54 -17.79 -7.18 3.39
N GLU A 55 -18.61 -6.21 3.75
CA GLU A 55 -20.04 -6.43 3.95
C GLU A 55 -20.83 -6.20 2.66
N TYR A 56 -20.39 -5.21 1.89
CA TYR A 56 -20.85 -5.04 0.51
C TYR A 56 -19.73 -4.46 -0.34
N PRO A 57 -19.33 -5.20 -1.40
CA PRO A 57 -18.23 -4.76 -2.25
C PRO A 57 -18.67 -3.87 -3.41
N PHE A 58 -17.76 -3.05 -3.91
CA PHE A 58 -18.02 -2.23 -5.09
C PHE A 58 -18.42 -3.10 -6.27
N SER A 59 -17.84 -4.31 -6.34
CA SER A 59 -17.98 -5.19 -7.51
C SER A 59 -19.24 -6.07 -7.54
N GLU A 60 -20.12 -5.91 -6.56
CA GLU A 60 -21.46 -6.48 -6.63
C GLU A 60 -22.42 -5.41 -7.13
N ALA A 61 -23.61 -5.83 -7.55
CA ALA A 61 -24.58 -4.94 -8.20
C ALA A 61 -24.83 -3.68 -7.38
N GLN A 62 -24.72 -2.53 -8.03
CA GLN A 62 -24.88 -1.26 -7.34
C GLN A 62 -26.33 -0.80 -7.38
N SER A 63 -27.18 -1.55 -6.69
N SER A 63 -27.17 -1.56 -6.67
CA SER A 63 -28.59 -1.24 -6.59
CA SER A 63 -28.59 -1.30 -6.55
C SER A 63 -28.92 -0.97 -5.13
C SER A 63 -28.89 -0.95 -5.10
N LYS A 64 -29.62 0.14 -4.89
CA LYS A 64 -29.93 0.60 -3.52
C LYS A 64 -30.67 -0.46 -2.70
N GLY A 65 -31.66 -1.10 -3.32
CA GLY A 65 -32.45 -2.15 -2.65
C GLY A 65 -31.61 -3.31 -2.15
N ASP A 66 -30.71 -3.80 -2.99
CA ASP A 66 -29.82 -4.91 -2.62
C ASP A 66 -28.86 -4.54 -1.50
N ILE A 67 -28.26 -3.36 -1.61
CA ILE A 67 -27.28 -2.86 -0.64
C ILE A 67 -27.94 -2.66 0.72
N LEU A 68 -29.13 -2.06 0.72
CA LEU A 68 -29.83 -1.77 1.97
C LEU A 68 -30.25 -3.04 2.71
N GLN A 69 -30.69 -4.04 1.97
CA GLN A 69 -31.05 -5.33 2.55
C GLN A 69 -29.82 -6.00 3.17
N ARG A 70 -28.70 -5.98 2.45
CA ARG A 70 -27.44 -6.51 2.95
C ARG A 70 -26.98 -5.75 4.19
N VAL A 71 -27.11 -4.43 4.15
CA VAL A 71 -26.77 -3.59 5.30
C VAL A 71 -27.58 -3.98 6.56
N ARG A 72 -28.89 -4.16 6.40
CA ARG A 72 -29.76 -4.57 7.52
C ARG A 72 -29.35 -5.91 8.12
N GLU A 73 -28.83 -6.80 7.28
CA GLU A 73 -28.43 -8.15 7.68
C GLU A 73 -27.01 -8.22 8.26
N ILE A 74 -26.27 -7.12 8.26
CA ILE A 74 -24.92 -7.11 8.84
C ILE A 74 -24.97 -7.47 10.32
N ARG A 75 -24.12 -8.41 10.71
CA ARG A 75 -24.00 -8.84 12.10
C ARG A 75 -22.75 -8.25 12.71
N TYR A 76 -22.92 -7.64 13.87
CA TYR A 76 -21.83 -7.18 14.72
C TYR A 76 -20.82 -8.33 14.91
N GLN A 77 -19.57 -8.07 14.56
CA GLN A 77 -18.55 -9.12 14.62
C GLN A 77 -17.77 -9.16 15.93
N GLY A 78 -17.69 -8.02 16.62
CA GLY A 78 -16.86 -7.90 17.82
C GLY A 78 -15.39 -7.99 17.46
N GLY A 79 -14.54 -8.00 18.47
CA GLY A 79 -13.09 -8.09 18.26
C GLY A 79 -12.31 -7.30 19.29
N ASN A 80 -11.11 -7.76 19.61
CA ASN A 80 -10.34 -7.16 20.70
C ASN A 80 -9.39 -6.04 20.29
N ARG A 81 -9.42 -5.67 19.01
CA ARG A 81 -8.58 -4.58 18.48
CA ARG A 81 -8.59 -4.56 18.52
C ARG A 81 -9.38 -3.63 17.59
N THR A 82 -8.85 -2.42 17.40
CA THR A 82 -9.41 -1.45 16.48
C THR A 82 -8.36 -1.20 15.39
N ASN A 83 -8.22 -2.14 14.47
CA ASN A 83 -7.18 -2.06 13.44
C ASN A 83 -7.57 -1.16 12.27
N THR A 84 -7.69 0.12 12.57
CA THR A 84 -8.09 1.15 11.61
C THR A 84 -7.16 1.23 10.42
N GLY A 85 -5.86 1.10 10.67
CA GLY A 85 -4.85 1.12 9.62
C GLY A 85 -5.06 0.02 8.60
N LEU A 86 -5.43 -1.17 9.08
CA LEU A 86 -5.72 -2.31 8.21
C LEU A 86 -6.95 -2.05 7.34
N ALA A 87 -7.99 -1.45 7.92
CA ALA A 87 -9.19 -1.10 7.16
C ALA A 87 -8.87 -0.11 6.04
N LEU A 88 -8.09 0.92 6.37
CA LEU A 88 -7.66 1.91 5.38
C LEU A 88 -6.84 1.25 4.26
N ARG A 89 -5.91 0.37 4.64
CA ARG A 89 -5.08 -0.34 3.67
CA ARG A 89 -5.09 -0.35 3.67
C ARG A 89 -5.94 -1.17 2.71
N TYR A 90 -7.03 -1.76 3.22
CA TYR A 90 -7.93 -2.53 2.36
C TYR A 90 -8.55 -1.67 1.26
N LEU A 91 -8.94 -0.45 1.62
CA LEU A 91 -9.55 0.48 0.67
C LEU A 91 -8.62 0.82 -0.50
N SER A 92 -7.35 1.07 -0.18
CA SER A 92 -6.37 1.44 -1.19
C SER A 92 -5.90 0.23 -1.99
N ASP A 93 -5.81 -0.93 -1.34
CA ASP A 93 -5.28 -2.12 -1.98
C ASP A 93 -6.33 -2.98 -2.69
N HIS A 94 -7.60 -2.72 -2.39
CA HIS A 94 -8.69 -3.52 -2.97
C HIS A 94 -9.86 -2.68 -3.49
N SER A 95 -10.60 -2.06 -2.57
CA SER A 95 -11.85 -1.34 -2.88
C SER A 95 -11.73 -0.33 -4.01
N PHE A 96 -10.81 0.63 -3.87
CA PHE A 96 -10.74 1.74 -4.83
C PHE A 96 -9.99 1.40 -6.12
N LEU A 97 -9.61 0.13 -6.26
CA LEU A 97 -9.04 -0.38 -7.52
C LEU A 97 -10.11 -0.98 -8.43
N VAL A 98 -11.34 -1.07 -7.93
CA VAL A 98 -12.46 -1.65 -8.69
C VAL A 98 -12.85 -0.78 -9.89
N SER A 99 -13.06 0.52 -9.65
CA SER A 99 -13.41 1.46 -10.73
C SER A 99 -12.33 1.52 -11.80
N GLN A 100 -12.74 1.39 -13.05
CA GLN A 100 -11.82 1.40 -14.19
C GLN A 100 -12.37 2.26 -15.32
N GLY A 101 -11.53 2.54 -16.31
CA GLY A 101 -11.90 3.40 -17.43
C GLY A 101 -12.21 4.82 -17.00
N ASP A 102 -13.30 5.38 -17.52
N ASP A 102 -13.29 5.37 -17.54
CA ASP A 102 -13.72 6.74 -17.20
CA ASP A 102 -13.75 6.72 -17.22
C ASP A 102 -14.06 6.94 -15.72
C ASP A 102 -14.03 6.92 -15.72
N ARG A 103 -14.58 5.89 -15.09
CA ARG A 103 -14.95 5.93 -13.68
C ARG A 103 -13.76 6.09 -12.73
N GLU A 104 -12.57 5.67 -13.18
CA GLU A 104 -11.34 5.83 -12.41
C GLU A 104 -11.09 7.29 -12.02
N GLN A 105 -11.66 8.22 -12.78
CA GLN A 105 -11.52 9.66 -12.56
CA GLN A 105 -11.49 9.65 -12.52
C GLN A 105 -12.55 10.22 -11.59
N ALA A 106 -13.55 9.41 -11.23
CA ALA A 106 -14.60 9.83 -10.31
C ALA A 106 -14.02 10.02 -8.90
N PRO A 107 -14.61 10.94 -8.11
CA PRO A 107 -14.09 11.14 -6.76
C PRO A 107 -14.26 9.91 -5.89
N ASN A 108 -13.28 9.66 -5.04
CA ASN A 108 -13.32 8.57 -4.06
C ASN A 108 -13.49 9.15 -2.68
N LEU A 109 -14.53 8.72 -1.98
N LEU A 109 -14.50 8.69 -1.96
CA LEU A 109 -14.83 9.23 -0.64
CA LEU A 109 -14.83 9.23 -0.65
C LEU A 109 -14.92 8.11 0.38
C LEU A 109 -14.96 8.13 0.39
N VAL A 110 -14.41 8.37 1.58
CA VAL A 110 -14.48 7.41 2.68
C VAL A 110 -15.13 8.07 3.89
N TYR A 111 -16.20 7.42 4.36
N TYR A 111 -16.11 7.40 4.49
CA TYR A 111 -16.91 7.78 5.60
CA TYR A 111 -16.50 7.78 5.83
C TYR A 111 -16.76 6.67 6.62
C TYR A 111 -16.07 6.70 6.81
N MET A 112 -15.96 6.96 7.66
N MET A 112 -15.00 6.93 7.56
CA MET A 112 -15.53 5.96 8.64
CA MET A 112 -14.58 5.96 8.56
C MET A 112 -16.07 6.26 10.04
C MET A 112 -15.12 6.34 9.92
N VAL A 113 -16.80 5.30 10.61
N VAL A 113 -16.08 5.54 10.38
CA VAL A 113 -17.41 5.46 11.94
CA VAL A 113 -16.75 5.74 11.65
C VAL A 113 -16.56 4.73 12.97
C VAL A 113 -16.05 4.95 12.74
N THR A 114 -15.82 5.51 13.76
N THR A 114 -15.55 5.63 13.76
CA THR A 114 -14.94 4.95 14.79
CA THR A 114 -14.79 4.97 14.81
C THR A 114 -15.15 5.62 16.16
C THR A 114 -14.98 5.65 16.16
N GLY A 115 -14.92 4.87 17.23
CA GLY A 115 -15.06 5.39 18.59
C GLY A 115 -13.85 5.17 19.48
N ASN A 116 -12.75 4.71 18.88
CA ASN A 116 -11.55 4.36 19.65
C ASN A 116 -10.27 4.67 18.88
N PRO A 117 -9.15 4.89 19.61
CA PRO A 117 -7.87 5.08 18.93
C PRO A 117 -7.47 3.81 18.21
N ALA A 118 -6.70 3.94 17.13
CA ALA A 118 -6.25 2.80 16.35
C ALA A 118 -5.32 1.92 17.17
N SER A 119 -5.46 0.61 17.01
CA SER A 119 -4.61 -0.37 17.68
C SER A 119 -3.32 -0.57 16.90
N ASP A 120 -3.39 -0.32 15.60
CA ASP A 120 -2.26 -0.53 14.69
C ASP A 120 -1.74 0.81 14.15
N GLU A 121 -0.77 0.72 13.24
N GLU A 121 -0.75 0.74 13.26
CA GLU A 121 -0.21 1.88 12.56
CA GLU A 121 -0.22 1.95 12.63
C GLU A 121 -1.16 2.38 11.48
C GLU A 121 -1.08 2.39 11.46
N ILE A 122 -1.37 3.69 11.43
CA ILE A 122 -2.19 4.30 10.37
C ILE A 122 -1.28 4.95 9.34
N LYS A 123 -1.45 4.56 8.08
CA LYS A 123 -0.74 5.19 6.96
C LYS A 123 -1.75 6.01 6.18
N ARG A 124 -1.32 7.18 5.71
CA ARG A 124 -2.19 8.02 4.89
C ARG A 124 -2.49 7.39 3.53
N LEU A 125 -3.74 7.55 3.10
CA LEU A 125 -4.19 7.05 1.81
C LEU A 125 -3.71 7.97 0.69
N PRO A 126 -3.68 7.47 -0.56
CA PRO A 126 -3.31 8.33 -1.69
C PRO A 126 -4.23 9.55 -1.78
N GLY A 127 -3.69 10.62 -2.36
CA GLY A 127 -4.41 11.89 -2.49
C GLY A 127 -5.76 11.81 -3.18
N ASP A 128 -5.91 10.83 -4.08
CA ASP A 128 -7.17 10.66 -4.82
C ASP A 128 -8.29 9.97 -4.01
N ILE A 129 -7.99 9.63 -2.76
CA ILE A 129 -9.01 9.10 -1.84
C ILE A 129 -9.22 10.09 -0.69
N GLN A 130 -10.40 10.70 -0.67
CA GLN A 130 -10.74 11.69 0.36
CA GLN A 130 -10.75 11.69 0.34
C GLN A 130 -11.42 11.02 1.54
N VAL A 131 -10.83 11.21 2.72
CA VAL A 131 -11.33 10.57 3.92
C VAL A 131 -11.98 11.59 4.86
N VAL A 132 -13.22 11.29 5.28
N VAL A 132 -13.22 11.29 5.28
CA VAL A 132 -13.90 12.06 6.30
CA VAL A 132 -13.90 12.06 6.30
C VAL A 132 -14.14 11.18 7.53
C VAL A 132 -14.14 11.18 7.53
N PRO A 133 -13.25 11.28 8.53
CA PRO A 133 -13.40 10.51 9.76
C PRO A 133 -14.59 11.01 10.56
N ILE A 134 -15.40 10.07 11.06
CA ILE A 134 -16.46 10.39 11.97
C ILE A 134 -16.12 9.77 13.32
N GLY A 135 -15.58 10.61 14.20
CA GLY A 135 -15.20 10.19 15.54
C GLY A 135 -16.40 10.29 16.46
N VAL A 136 -16.79 9.15 17.02
CA VAL A 136 -18.01 9.08 17.82
C VAL A 136 -17.69 8.78 19.28
N GLY A 137 -18.20 9.63 20.17
CA GLY A 137 -18.00 9.45 21.60
C GLY A 137 -16.69 10.04 22.09
N PRO A 138 -16.47 9.99 23.41
CA PRO A 138 -15.33 10.65 24.05
C PRO A 138 -13.99 9.96 23.87
N ASN A 139 -13.99 8.73 23.34
CA ASN A 139 -12.74 7.97 23.21
C ASN A 139 -12.09 8.02 21.82
N ALA A 140 -12.70 8.75 20.90
CA ALA A 140 -12.10 8.95 19.58
C ALA A 140 -10.80 9.75 19.75
N ASN A 141 -9.75 9.33 19.04
CA ASN A 141 -8.47 10.03 19.07
C ASN A 141 -8.49 11.15 18.03
N VAL A 142 -8.75 12.38 18.49
CA VAL A 142 -8.92 13.52 17.60
C VAL A 142 -7.70 13.79 16.69
N GLN A 143 -6.51 13.75 17.27
N GLN A 143 -6.51 13.77 17.27
CA GLN A 143 -5.27 14.00 16.51
CA GLN A 143 -5.26 14.00 16.51
C GLN A 143 -5.07 12.97 15.40
C GLN A 143 -5.07 12.97 15.41
N GLU A 144 -5.36 11.70 15.72
CA GLU A 144 -5.25 10.61 14.76
C GLU A 144 -6.25 10.80 13.63
N LEU A 145 -7.48 11.17 13.99
CA LEU A 145 -8.53 11.41 13.00
C LEU A 145 -8.23 12.60 12.10
N GLU A 146 -7.67 13.66 12.69
CA GLU A 146 -7.27 14.85 11.93
C GLU A 146 -6.17 14.50 10.93
N ARG A 147 -5.25 13.62 11.34
CA ARG A 147 -4.16 13.16 10.51
C ARG A 147 -4.67 12.36 9.29
N ILE A 148 -5.57 11.40 9.55
CA ILE A 148 -6.19 10.61 8.48
C ILE A 148 -7.01 11.48 7.53
N GLY A 149 -7.77 12.41 8.12
CA GLY A 149 -8.75 13.20 7.37
C GLY A 149 -8.19 14.31 6.49
N TRP A 150 -7.08 14.91 6.91
N TRP A 150 -7.11 14.94 6.94
CA TRP A 150 -6.48 16.05 6.23
CA TRP A 150 -6.57 16.14 6.27
C TRP A 150 -6.48 15.91 4.71
C TRP A 150 -6.48 15.96 4.75
N PRO A 151 -6.96 16.95 3.98
CA PRO A 151 -7.45 18.28 4.41
C PRO A 151 -8.88 18.36 4.96
N ASN A 152 -9.58 17.22 5.05
CA ASN A 152 -10.92 17.20 5.62
C ASN A 152 -10.90 17.19 7.14
N ALA A 153 -11.70 18.06 7.74
CA ALA A 153 -11.88 18.05 9.18
C ALA A 153 -12.75 16.86 9.58
N PRO A 154 -12.39 16.17 10.67
CA PRO A 154 -13.25 15.08 11.13
C PRO A 154 -14.59 15.60 11.64
N ILE A 155 -15.62 14.77 11.56
CA ILE A 155 -16.91 15.08 12.16
C ILE A 155 -16.96 14.39 13.52
N LEU A 156 -17.02 15.16 14.59
CA LEU A 156 -17.01 14.60 15.94
C LEU A 156 -18.41 14.63 16.54
N ILE A 157 -18.93 13.43 16.78
CA ILE A 157 -20.32 13.24 17.18
C ILE A 157 -20.37 12.82 18.64
N GLN A 158 -21.32 13.39 19.37
CA GLN A 158 -21.49 13.20 20.81
C GLN A 158 -21.38 11.73 21.26
N ASP A 159 -22.18 10.85 20.66
CA ASP A 159 -22.20 9.43 21.03
C ASP A 159 -22.96 8.62 19.98
N PHE A 160 -22.93 7.30 20.11
CA PHE A 160 -23.58 6.45 19.11
C PHE A 160 -25.10 6.57 19.09
N GLU A 161 -25.71 6.77 20.26
CA GLU A 161 -27.17 6.97 20.37
C GLU A 161 -27.66 8.11 19.49
N THR A 162 -26.88 9.19 19.42
CA THR A 162 -27.28 10.38 18.66
C THR A 162 -26.82 10.35 17.21
N LEU A 163 -25.89 9.46 16.89
CA LEU A 163 -25.29 9.38 15.56
C LEU A 163 -26.29 9.31 14.39
N PRO A 164 -27.36 8.50 14.51
CA PRO A 164 -28.28 8.43 13.36
C PRO A 164 -29.19 9.65 13.18
N ARG A 165 -29.16 10.59 14.13
CA ARG A 165 -30.12 11.71 14.15
C ARG A 165 -29.82 12.80 13.13
N GLU A 166 -28.59 13.33 13.17
CA GLU A 166 -28.20 14.47 12.35
C GLU A 166 -27.01 14.19 11.46
N ALA A 167 -26.12 13.31 11.90
CA ALA A 167 -24.90 12.99 11.15
C ALA A 167 -25.13 12.54 9.71
N PRO A 168 -26.23 11.80 9.42
CA PRO A 168 -26.51 11.49 8.02
C PRO A 168 -26.61 12.73 7.11
N ASP A 169 -27.23 13.81 7.60
CA ASP A 169 -27.33 15.04 6.83
C ASP A 169 -25.97 15.72 6.63
N LEU A 170 -25.13 15.69 7.66
CA LEU A 170 -23.76 16.22 7.56
C LEU A 170 -22.97 15.50 6.48
N VAL A 171 -23.13 14.18 6.43
CA VAL A 171 -22.47 13.34 5.43
C VAL A 171 -23.00 13.65 4.02
N LEU A 172 -24.32 13.69 3.88
CA LEU A 172 -24.94 13.94 2.58
C LEU A 172 -24.60 15.32 2.02
N GLN A 173 -24.46 16.29 2.92
CA GLN A 173 -24.05 17.65 2.58
C GLN A 173 -22.62 17.72 2.02
N ARG A 174 -21.73 16.86 2.53
N ARG A 174 -21.74 16.85 2.52
CA ARG A 174 -20.33 16.83 2.08
CA ARG A 174 -20.34 16.82 2.10
C ARG A 174 -20.16 16.07 0.77
C ARG A 174 -20.15 16.07 0.78
N CYS A 175 -20.88 14.96 0.61
CA CYS A 175 -20.76 14.11 -0.58
C CYS A 175 -21.59 14.57 -1.76
N CYS A 176 -22.85 14.92 -1.47
CA CYS A 176 -23.90 14.84 -2.47
C CYS A 176 -24.78 16.09 -2.57
N SER A 177 -24.21 17.24 -2.20
CA SER A 177 -24.92 18.52 -2.28
C SER A 177 -24.56 19.26 -3.56
N PRO A 178 -25.57 19.81 -4.23
N MET B 1 20.21 1.06 -24.32
N MET B 1 20.29 0.84 -24.14
CA MET B 1 18.86 0.48 -24.01
CA MET B 1 18.85 0.46 -24.02
C MET B 1 18.15 1.30 -22.94
C MET B 1 18.14 1.20 -22.88
N VAL B 2 16.83 1.37 -23.01
CA VAL B 2 16.03 2.12 -22.05
C VAL B 2 15.38 1.20 -21.04
N LEU B 3 15.70 1.43 -19.77
CA LEU B 3 15.25 0.56 -18.67
C LEU B 3 15.27 1.31 -17.34
N ASP B 4 14.24 1.10 -16.54
CA ASP B 4 14.23 1.56 -15.14
C ASP B 4 14.47 0.34 -14.25
N VAL B 5 15.61 0.34 -13.55
N VAL B 5 15.60 0.31 -13.55
CA VAL B 5 16.00 -0.76 -12.67
CA VAL B 5 15.93 -0.82 -12.69
C VAL B 5 16.02 -0.28 -11.21
C VAL B 5 16.12 -0.40 -11.23
N ALA B 6 15.41 -1.07 -10.34
CA ALA B 6 15.47 -0.82 -8.92
C ALA B 6 16.21 -1.96 -8.24
N PHE B 7 17.13 -1.63 -7.34
CA PHE B 7 17.77 -2.62 -6.48
C PHE B 7 17.28 -2.39 -5.06
N VAL B 8 16.77 -3.45 -4.46
CA VAL B 8 16.22 -3.36 -3.12
C VAL B 8 17.00 -4.31 -2.23
N LEU B 9 17.74 -3.74 -1.27
CA LEU B 9 18.62 -4.54 -0.43
C LEU B 9 18.10 -4.61 1.01
N GLU B 10 17.91 -5.83 1.50
CA GLU B 10 17.58 -6.03 2.90
C GLU B 10 18.80 -5.67 3.78
N GLY B 11 18.56 -4.82 4.76
CA GLY B 11 19.62 -4.35 5.66
C GLY B 11 19.24 -4.49 7.11
N SER B 12 18.51 -5.57 7.41
CA SER B 12 18.01 -5.85 8.76
C SER B 12 19.11 -6.46 9.64
N ASP B 13 18.86 -6.50 10.96
CA ASP B 13 19.78 -7.13 11.90
C ASP B 13 20.12 -8.56 11.51
N LYS B 14 19.13 -9.28 10.97
CA LYS B 14 19.31 -10.66 10.53
C LYS B 14 20.34 -10.76 9.40
N ILE B 15 20.36 -9.77 8.51
CA ILE B 15 21.40 -9.70 7.48
C ILE B 15 22.76 -9.46 8.13
N GLY B 16 22.85 -8.41 8.95
CA GLY B 16 24.11 -8.06 9.61
C GLY B 16 25.02 -7.28 8.68
N GLU B 17 25.95 -6.54 9.28
CA GLU B 17 26.82 -5.62 8.53
C GLU B 17 27.71 -6.33 7.49
N ALA B 18 28.30 -7.46 7.87
CA ALA B 18 29.20 -8.22 6.97
C ALA B 18 28.49 -8.67 5.71
N ASP B 19 27.33 -9.31 5.87
CA ASP B 19 26.56 -9.77 4.71
C ASP B 19 25.99 -8.61 3.89
N PHE B 20 25.61 -7.53 4.57
CA PHE B 20 25.19 -6.33 3.86
C PHE B 20 26.32 -5.74 3.01
N ASN B 21 27.54 -5.75 3.54
CA ASN B 21 28.72 -5.35 2.76
C ASN B 21 28.88 -6.16 1.47
N ARG B 22 28.55 -7.45 1.54
CA ARG B 22 28.61 -8.28 0.35
CA ARG B 22 28.57 -8.34 0.38
C ARG B 22 27.46 -7.98 -0.63
N SER B 23 26.30 -7.57 -0.09
CA SER B 23 25.18 -7.13 -0.92
CA SER B 23 25.19 -7.14 -0.94
C SER B 23 25.58 -5.86 -1.68
N LYS B 24 26.30 -4.98 -0.99
CA LYS B 24 26.85 -3.75 -1.56
C LYS B 24 27.86 -4.05 -2.66
N GLU B 25 28.72 -5.04 -2.42
CA GLU B 25 29.72 -5.47 -3.39
CA GLU B 25 29.72 -5.47 -3.39
C GLU B 25 29.03 -6.02 -4.64
N PHE B 26 28.01 -6.85 -4.42
CA PHE B 26 27.21 -7.42 -5.50
C PHE B 26 26.62 -6.31 -6.37
N MET B 27 26.06 -5.29 -5.72
CA MET B 27 25.37 -4.22 -6.44
C MET B 27 26.35 -3.33 -7.21
N GLU B 28 27.53 -3.09 -6.62
CA GLU B 28 28.62 -2.39 -7.30
C GLU B 28 29.03 -3.09 -8.59
N GLU B 29 29.25 -4.40 -8.51
N GLU B 29 29.22 -4.41 -8.51
CA GLU B 29 29.61 -5.21 -9.67
CA GLU B 29 29.60 -5.20 -9.67
C GLU B 29 28.56 -5.07 -10.77
C GLU B 29 28.56 -5.17 -10.78
N VAL B 30 27.28 -5.15 -10.39
CA VAL B 30 26.17 -5.02 -11.34
C VAL B 30 26.20 -3.65 -12.02
N ILE B 31 26.22 -2.59 -11.20
CA ILE B 31 26.16 -1.22 -11.71
C ILE B 31 27.36 -0.89 -12.60
N GLN B 32 28.54 -1.37 -12.23
CA GLN B 32 29.77 -1.20 -13.03
C GLN B 32 29.59 -1.65 -14.48
N ARG B 33 28.82 -2.71 -14.67
CA ARG B 33 28.69 -3.35 -15.98
C ARG B 33 27.40 -2.98 -16.72
N MET B 34 26.56 -2.17 -16.08
CA MET B 34 25.33 -1.68 -16.68
C MET B 34 25.53 -0.39 -17.46
N ASP B 35 24.82 -0.26 -18.57
CA ASP B 35 24.85 0.97 -19.37
C ASP B 35 23.98 2.06 -18.73
N VAL B 36 24.42 2.57 -17.59
CA VAL B 36 23.71 3.64 -16.87
C VAL B 36 23.94 4.98 -17.56
N GLY B 37 22.85 5.72 -17.76
CA GLY B 37 22.92 7.03 -18.38
C GLY B 37 21.54 7.67 -18.37
N GLN B 38 21.51 9.00 -18.50
CA GLN B 38 20.25 9.75 -18.48
C GLN B 38 19.27 9.32 -19.59
N ASP B 39 19.81 8.89 -20.73
N ASP B 39 19.84 8.93 -20.73
CA ASP B 39 18.98 8.47 -21.86
CA ASP B 39 19.08 8.53 -21.91
C ASP B 39 18.78 6.96 -21.93
C ASP B 39 19.15 7.02 -22.10
N SER B 40 19.56 6.21 -21.15
N SER B 40 19.48 6.30 -21.04
CA SER B 40 19.55 4.74 -21.21
CA SER B 40 19.63 4.85 -21.12
C SER B 40 18.98 4.10 -19.94
C SER B 40 19.01 4.16 -19.90
N ILE B 41 19.82 3.39 -19.19
CA ILE B 41 19.37 2.71 -17.97
C ILE B 41 19.38 3.69 -16.79
N HIS B 42 18.25 3.75 -16.10
CA HIS B 42 18.10 4.49 -14.85
C HIS B 42 18.13 3.52 -13.68
N VAL B 43 18.77 3.93 -12.59
CA VAL B 43 18.92 3.08 -11.41
C VAL B 43 18.41 3.78 -10.15
N THR B 44 17.64 3.04 -9.36
CA THR B 44 17.33 3.44 -7.98
C THR B 44 17.81 2.34 -7.03
N VAL B 45 18.24 2.76 -5.86
CA VAL B 45 18.70 1.84 -4.83
C VAL B 45 17.98 2.13 -3.53
N LEU B 46 17.35 1.09 -2.99
CA LEU B 46 16.68 1.15 -1.71
CA LEU B 46 16.68 1.16 -1.70
C LEU B 46 17.35 0.18 -0.73
N GLN B 47 17.39 0.59 0.54
CA GLN B 47 17.75 -0.33 1.61
C GLN B 47 16.51 -0.41 2.50
N TYR B 48 16.20 -1.60 3.01
CA TYR B 48 15.04 -1.73 3.88
C TYR B 48 15.26 -2.68 5.06
N SER B 49 14.60 -2.38 6.16
CA SER B 49 14.48 -3.31 7.27
C SER B 49 13.11 -3.01 7.93
N TYR B 50 13.13 -2.25 9.03
N TYR B 50 13.11 -2.28 9.00
CA TYR B 50 11.89 -1.76 9.62
CA TYR B 50 11.86 -1.84 9.53
C TYR B 50 11.30 -0.68 8.71
C TYR B 50 11.27 -0.69 8.71
N MET B 51 12.15 0.22 8.27
CA MET B 51 11.81 1.28 7.34
C MET B 51 12.54 1.17 5.98
N VAL B 52 12.06 1.94 5.02
CA VAL B 52 12.72 2.02 3.72
C VAL B 52 13.60 3.26 3.68
N THR B 53 14.83 3.10 3.21
CA THR B 53 15.74 4.22 2.97
C THR B 53 16.04 4.32 1.47
N VAL B 54 15.80 5.51 0.90
CA VAL B 54 16.15 5.77 -0.49
C VAL B 54 17.62 6.17 -0.54
N GLU B 55 18.45 5.26 -1.07
CA GLU B 55 19.89 5.48 -1.15
C GLU B 55 20.26 6.22 -2.43
N TYR B 56 19.63 5.83 -3.54
CA TYR B 56 19.74 6.62 -4.76
C TYR B 56 18.41 6.65 -5.50
N PRO B 57 17.80 7.84 -5.65
CA PRO B 57 16.50 7.95 -6.31
C PRO B 57 16.63 8.02 -7.83
N PHE B 58 15.54 7.64 -8.53
CA PHE B 58 15.49 7.78 -9.99
C PHE B 58 15.66 9.24 -10.40
N SER B 59 15.18 10.15 -9.55
CA SER B 59 15.13 11.58 -9.88
C SER B 59 16.42 12.37 -9.58
N GLU B 60 17.47 11.68 -9.13
CA GLU B 60 18.81 12.27 -9.13
C GLU B 60 19.53 11.86 -10.40
N ALA B 61 20.63 12.56 -10.70
CA ALA B 61 21.33 12.40 -11.98
C ALA B 61 21.72 10.94 -12.25
N GLN B 62 21.39 10.49 -13.45
CA GLN B 62 21.63 9.10 -13.81
C GLN B 62 22.98 8.92 -14.49
N SER B 63 24.04 9.18 -13.73
CA SER B 63 25.39 8.97 -14.19
C SER B 63 26.04 7.91 -13.31
N LYS B 64 26.71 6.96 -13.94
CA LYS B 64 27.26 5.79 -13.25
C LYS B 64 28.17 6.16 -12.08
N GLY B 65 29.01 7.17 -12.28
CA GLY B 65 29.96 7.61 -11.26
C GLY B 65 29.31 8.11 -10.00
N ASP B 66 28.26 8.93 -10.15
CA ASP B 66 27.52 9.45 -9.00
C ASP B 66 26.84 8.34 -8.22
N ILE B 67 26.29 7.36 -8.94
CA ILE B 67 25.57 6.24 -8.32
C ILE B 67 26.54 5.31 -7.58
N LEU B 68 27.67 4.99 -8.21
CA LEU B 68 28.67 4.13 -7.58
C LEU B 68 29.24 4.73 -6.30
N GLN B 69 29.49 6.04 -6.30
CA GLN B 69 29.98 6.73 -5.10
C GLN B 69 28.96 6.63 -3.97
N ARG B 70 27.70 6.88 -4.30
CA ARG B 70 26.60 6.77 -3.35
CA ARG B 70 26.60 6.78 -3.34
C ARG B 70 26.46 5.35 -2.80
N VAL B 71 26.58 4.37 -3.70
CA VAL B 71 26.53 2.95 -3.31
C VAL B 71 27.65 2.63 -2.31
N ARG B 72 28.87 3.04 -2.64
CA ARG B 72 30.04 2.86 -1.78
C ARG B 72 29.81 3.50 -0.40
N GLU B 73 29.08 4.62 -0.38
CA GLU B 73 28.81 5.37 0.85
C GLU B 73 27.62 4.84 1.67
N ILE B 74 26.85 3.90 1.12
CA ILE B 74 25.70 3.34 1.82
C ILE B 74 26.15 2.70 3.13
N ARG B 75 25.49 3.10 4.22
CA ARG B 75 25.78 2.52 5.53
CA ARG B 75 25.78 2.54 5.54
C ARG B 75 24.67 1.57 5.96
N TYR B 76 25.08 0.41 6.47
CA TYR B 76 24.16 -0.61 6.96
C TYR B 76 23.32 -0.01 8.08
N GLN B 77 22.00 -0.11 7.96
CA GLN B 77 21.08 0.54 8.90
C GLN B 77 20.65 -0.35 10.06
N GLY B 78 20.64 -1.67 9.85
CA GLY B 78 20.11 -2.61 10.83
C GLY B 78 18.61 -2.47 10.96
N GLY B 79 18.02 -3.22 11.88
CA GLY B 79 16.57 -3.16 12.07
C GLY B 79 15.97 -4.50 12.43
N ASN B 80 14.90 -4.45 13.21
CA ASN B 80 14.29 -5.65 13.79
C ASN B 80 13.21 -6.31 12.92
N ARG B 81 13.00 -5.78 11.72
CA ARG B 81 12.00 -6.32 10.80
CA ARG B 81 12.00 -6.35 10.81
C ARG B 81 12.54 -6.44 9.38
N THR B 82 11.92 -7.32 8.60
CA THR B 82 12.20 -7.45 7.18
C THR B 82 10.92 -7.05 6.45
N ASN B 83 10.65 -5.76 6.40
CA ASN B 83 9.41 -5.24 5.82
C ASN B 83 9.47 -5.12 4.30
N THR B 84 9.56 -6.29 3.66
CA THR B 84 9.66 -6.40 2.21
C THR B 84 8.46 -5.79 1.48
N GLY B 85 7.26 -6.01 2.02
CA GLY B 85 6.03 -5.43 1.46
C GLY B 85 6.09 -3.92 1.38
N LEU B 86 6.59 -3.28 2.44
CA LEU B 86 6.74 -1.83 2.51
C LEU B 86 7.70 -1.30 1.44
N ALA B 87 8.79 -2.03 1.22
CA ALA B 87 9.77 -1.69 0.20
C ALA B 87 9.16 -1.75 -1.20
N LEU B 88 8.41 -2.82 -1.48
CA LEU B 88 7.75 -2.98 -2.77
C LEU B 88 6.67 -1.90 -2.99
N ARG B 89 5.95 -1.56 -1.93
CA ARG B 89 4.96 -0.50 -1.99
C ARG B 89 5.61 0.84 -2.33
N TYR B 90 6.77 1.11 -1.74
CA TYR B 90 7.50 2.35 -2.04
C TYR B 90 7.79 2.46 -3.54
N LEU B 91 8.23 1.37 -4.14
CA LEU B 91 8.54 1.31 -5.57
C LEU B 91 7.37 1.67 -6.47
N SER B 92 6.18 1.14 -6.13
CA SER B 92 4.97 1.34 -6.92
CA SER B 92 5.00 1.36 -6.95
C SER B 92 4.38 2.73 -6.70
N ASP B 93 4.54 3.25 -5.49
CA ASP B 93 3.93 4.51 -5.10
C ASP B 93 4.81 5.75 -5.31
N HIS B 94 6.09 5.52 -5.53
CA HIS B 94 7.05 6.62 -5.68
C HIS B 94 8.01 6.40 -6.84
N SER B 95 8.89 5.42 -6.69
CA SER B 95 10.02 5.25 -7.61
C SER B 95 9.59 5.14 -9.07
N PHE B 96 8.66 4.23 -9.36
CA PHE B 96 8.28 3.98 -10.75
C PHE B 96 7.28 4.98 -11.34
N LEU B 97 6.97 6.03 -10.59
CA LEU B 97 6.16 7.14 -11.11
C LEU B 97 7.05 8.29 -11.59
N VAL B 98 8.36 8.14 -11.43
CA VAL B 98 9.31 9.18 -11.82
C VAL B 98 9.39 9.32 -13.34
N SER B 99 9.54 8.19 -14.05
CA SER B 99 9.61 8.21 -15.50
C SER B 99 8.30 8.71 -16.10
N GLN B 100 8.42 9.66 -17.04
CA GLN B 100 7.25 10.27 -17.67
C GLN B 100 7.46 10.41 -19.17
N GLY B 101 6.38 10.76 -19.88
CA GLY B 101 6.40 10.91 -21.33
C GLY B 101 6.67 9.60 -22.04
N ASP B 102 7.66 9.61 -22.92
N ASP B 102 7.65 9.61 -22.94
CA ASP B 102 8.03 8.44 -23.71
CA ASP B 102 8.03 8.44 -23.71
C ASP B 102 8.70 7.36 -22.86
C ASP B 102 8.67 7.35 -22.84
N ARG B 103 9.33 7.78 -21.77
CA ARG B 103 10.03 6.86 -20.86
C ARG B 103 9.08 6.05 -19.98
N GLU B 104 7.82 6.49 -19.90
CA GLU B 104 6.80 5.80 -19.11
C GLU B 104 6.50 4.38 -19.65
N GLN B 105 6.81 4.16 -20.93
N GLN B 105 6.81 4.15 -20.92
CA GLN B 105 6.58 2.87 -21.58
CA GLN B 105 6.58 2.85 -21.55
C GLN B 105 7.76 1.90 -21.42
C GLN B 105 7.78 1.91 -21.50
N ALA B 106 8.90 2.41 -20.98
CA ALA B 106 10.12 1.61 -20.80
C ALA B 106 9.95 0.53 -19.72
N PRO B 107 10.61 -0.63 -19.89
CA PRO B 107 10.43 -1.71 -18.92
C PRO B 107 10.88 -1.30 -17.52
N ASN B 108 10.16 -1.79 -16.53
CA ASN B 108 10.49 -1.59 -15.12
C ASN B 108 10.92 -2.92 -14.53
N LEU B 109 12.10 -2.95 -13.91
N LEU B 109 12.11 -2.94 -13.95
CA LEU B 109 12.65 -4.19 -13.37
CA LEU B 109 12.68 -4.16 -13.34
C LEU B 109 13.18 -3.99 -11.96
C LEU B 109 13.05 -3.91 -11.89
N VAL B 110 12.85 -4.93 -11.09
N VAL B 110 12.84 -4.92 -11.07
CA VAL B 110 13.29 -4.87 -9.70
CA VAL B 110 13.26 -4.87 -9.68
C VAL B 110 14.13 -6.08 -9.33
C VAL B 110 14.09 -6.11 -9.36
N TYR B 111 15.27 -5.83 -8.70
N TYR B 111 15.28 -5.90 -8.82
CA TYR B 111 16.08 -6.90 -8.13
CA TYR B 111 16.03 -6.98 -8.22
C TYR B 111 16.11 -6.74 -6.62
C TYR B 111 15.99 -6.77 -6.72
N MET B 112 15.31 -7.55 -5.94
N MET B 112 15.51 -7.79 -6.00
CA MET B 112 15.27 -7.49 -4.48
CA MET B 112 15.42 -7.68 -4.56
C MET B 112 16.14 -8.59 -3.86
C MET B 112 16.31 -8.72 -3.88
N VAL B 113 17.14 -8.16 -3.10
N VAL B 113 17.24 -8.24 -3.07
CA VAL B 113 18.09 -9.07 -2.46
CA VAL B 113 18.12 -9.12 -2.33
C VAL B 113 17.75 -9.26 -0.99
C VAL B 113 17.60 -9.28 -0.90
N THR B 114 17.16 -10.40 -0.67
N THR B 114 17.09 -10.47 -0.60
CA THR B 114 16.71 -10.64 0.70
CA THR B 114 16.56 -10.74 0.73
C THR B 114 17.19 -12.01 1.20
C THR B 114 17.06 -12.08 1.25
N GLY B 115 17.34 -12.14 2.51
N GLY B 115 17.35 -12.14 2.54
CA GLY B 115 17.79 -13.40 3.11
CA GLY B 115 17.81 -13.37 3.15
C GLY B 115 16.83 -13.98 4.12
C GLY B 115 16.85 -13.96 4.17
N ASN B 116 15.68 -13.34 4.30
CA ASN B 116 14.72 -13.69 5.35
C ASN B 116 13.27 -13.56 4.90
N PRO B 117 12.34 -14.27 5.58
CA PRO B 117 10.93 -14.11 5.27
C PRO B 117 10.44 -12.69 5.58
N ALA B 118 9.48 -12.21 4.79
CA ALA B 118 8.92 -10.89 5.02
C ALA B 118 8.21 -10.82 6.37
N SER B 119 8.39 -9.71 7.07
CA SER B 119 7.72 -9.46 8.35
C SER B 119 6.29 -8.97 8.16
N ASP B 120 6.05 -8.31 7.03
CA ASP B 120 4.76 -7.70 6.73
C ASP B 120 4.07 -8.42 5.56
N GLU B 121 2.88 -7.96 5.23
CA GLU B 121 2.10 -8.47 4.10
CA GLU B 121 2.14 -8.51 4.09
C GLU B 121 2.73 -8.02 2.78
N ILE B 122 2.81 -8.91 1.81
CA ILE B 122 3.36 -8.58 0.50
C ILE B 122 2.28 -8.59 -0.57
N LYS B 123 2.15 -7.45 -1.25
N LYS B 123 2.16 -7.47 -1.28
CA LYS B 123 1.30 -7.35 -2.42
CA LYS B 123 1.23 -7.36 -2.41
C LYS B 123 2.13 -7.63 -3.66
C LYS B 123 2.00 -7.41 -3.72
N ARG B 124 1.49 -8.18 -4.68
CA ARG B 124 2.10 -8.29 -6.00
C ARG B 124 2.06 -6.93 -6.66
N LEU B 125 3.19 -6.53 -7.23
CA LEU B 125 3.28 -5.26 -7.93
C LEU B 125 2.47 -5.34 -9.23
N PRO B 126 2.03 -4.18 -9.75
CA PRO B 126 1.34 -4.17 -11.05
C PRO B 126 2.16 -4.87 -12.13
N GLY B 127 1.48 -5.32 -13.19
CA GLY B 127 2.10 -6.09 -14.26
C GLY B 127 3.27 -5.45 -14.97
N ASP B 128 3.24 -4.11 -15.05
CA ASP B 128 4.30 -3.37 -15.73
C ASP B 128 5.58 -3.24 -14.90
N ILE B 129 5.56 -3.79 -13.69
CA ILE B 129 6.76 -3.86 -12.86
C ILE B 129 7.17 -5.32 -12.65
N GLN B 130 8.28 -5.71 -13.27
N GLN B 130 8.28 -5.71 -13.29
CA GLN B 130 8.80 -7.08 -13.21
CA GLN B 130 8.80 -7.06 -13.20
C GLN B 130 9.81 -7.24 -12.08
C GLN B 130 9.75 -7.17 -12.01
N VAL B 131 9.56 -8.19 -11.19
CA VAL B 131 10.41 -8.43 -10.03
C VAL B 131 11.20 -9.73 -10.17
N VAL B 132 12.52 -9.62 -9.97
CA VAL B 132 13.39 -10.78 -9.89
C VAL B 132 13.93 -10.86 -8.48
N PRO B 133 13.32 -11.74 -7.65
CA PRO B 133 13.80 -11.94 -6.29
C PRO B 133 15.12 -12.69 -6.27
N ILE B 134 16.05 -12.21 -5.45
CA ILE B 134 17.30 -12.91 -5.21
C ILE B 134 17.29 -13.31 -3.73
N GLY B 135 16.95 -14.57 -3.49
CA GLY B 135 16.88 -15.14 -2.16
C GLY B 135 18.23 -15.70 -1.76
N VAL B 136 18.85 -15.11 -0.75
CA VAL B 136 20.21 -15.48 -0.37
C VAL B 136 20.23 -16.27 0.94
N GLY B 137 20.83 -17.45 0.90
CA GLY B 137 20.99 -18.25 2.11
C GLY B 137 19.78 -19.10 2.45
N PRO B 138 19.87 -19.87 3.53
CA PRO B 138 18.89 -20.90 3.85
C PRO B 138 17.59 -20.38 4.48
N ASN B 139 17.57 -19.11 4.88
CA ASN B 139 16.40 -18.53 5.54
C ASN B 139 15.47 -17.76 4.59
N ALA B 140 15.83 -17.69 3.31
CA ALA B 140 14.97 -17.08 2.31
C ALA B 140 13.68 -17.89 2.16
N ASN B 141 12.54 -17.20 2.17
CA ASN B 141 11.23 -17.84 2.03
C ASN B 141 10.90 -18.05 0.56
N VAL B 142 11.18 -19.27 0.07
CA VAL B 142 11.05 -19.58 -1.36
C VAL B 142 9.63 -19.36 -1.92
N GLN B 143 8.63 -19.82 -1.18
CA GLN B 143 7.22 -19.65 -1.58
CA GLN B 143 7.21 -19.65 -1.56
C GLN B 143 6.87 -18.18 -1.77
N GLU B 144 7.31 -17.35 -0.83
CA GLU B 144 7.09 -15.91 -0.87
C GLU B 144 7.73 -15.29 -2.10
N LEU B 145 8.98 -15.68 -2.36
CA LEU B 145 9.73 -15.16 -3.51
C LEU B 145 9.13 -15.60 -4.85
N GLU B 146 8.62 -16.83 -4.89
CA GLU B 146 7.92 -17.32 -6.08
C GLU B 146 6.68 -16.47 -6.36
N ARG B 147 5.92 -16.18 -5.31
CA ARG B 147 4.70 -15.37 -5.42
C ARG B 147 5.01 -13.96 -5.89
N ILE B 148 6.05 -13.36 -5.33
CA ILE B 148 6.49 -12.01 -5.69
C ILE B 148 7.00 -11.96 -7.13
N GLY B 149 7.80 -12.96 -7.50
CA GLY B 149 8.54 -12.94 -8.75
C GLY B 149 7.78 -13.29 -10.01
N TRP B 150 6.78 -14.17 -9.88
CA TRP B 150 6.05 -14.69 -11.03
C TRP B 150 5.72 -13.60 -12.06
N PRO B 151 6.04 -13.83 -13.36
CA PRO B 151 6.52 -15.07 -13.99
C PRO B 151 8.03 -15.34 -13.89
N ASN B 152 8.77 -14.46 -13.22
CA ASN B 152 10.19 -14.68 -13.00
C ASN B 152 10.44 -15.65 -11.86
N ALA B 153 11.26 -16.66 -12.12
CA ALA B 153 11.72 -17.58 -11.09
C ALA B 153 12.67 -16.82 -10.15
N PRO B 154 12.59 -17.10 -8.84
CA PRO B 154 13.56 -16.51 -7.94
C PRO B 154 14.96 -17.04 -8.21
N ILE B 155 15.96 -16.19 -7.99
CA ILE B 155 17.35 -16.61 -8.07
C ILE B 155 17.81 -16.93 -6.66
N LEU B 156 18.08 -18.19 -6.41
CA LEU B 156 18.43 -18.63 -5.08
C LEU B 156 19.92 -18.88 -4.95
N ILE B 157 20.56 -18.00 -4.18
CA ILE B 157 22.02 -17.98 -4.05
C ILE B 157 22.43 -18.55 -2.70
N GLN B 158 23.46 -19.40 -2.73
CA GLN B 158 23.99 -20.13 -1.57
C GLN B 158 24.11 -19.31 -0.28
N ASP B 159 24.84 -18.21 -0.33
CA ASP B 159 25.05 -17.35 0.83
C ASP B 159 25.57 -15.98 0.39
N PHE B 160 25.67 -15.05 1.33
CA PHE B 160 26.10 -13.71 1.00
C PHE B 160 27.58 -13.64 0.60
N GLU B 161 28.41 -14.49 1.20
CA GLU B 161 29.82 -14.59 0.82
C GLU B 161 30.02 -14.83 -0.69
N THR B 162 29.18 -15.70 -1.26
CA THR B 162 29.28 -16.05 -2.68
C THR B 162 28.49 -15.13 -3.61
N LEU B 163 27.59 -14.34 -3.03
CA LEU B 163 26.71 -13.45 -3.82
C LEU B 163 27.42 -12.61 -4.90
N PRO B 164 28.55 -11.94 -4.56
CA PRO B 164 29.21 -11.10 -5.56
C PRO B 164 29.95 -11.85 -6.68
N ARG B 165 30.11 -13.17 -6.53
CA ARG B 165 30.92 -13.96 -7.45
C ARG B 165 30.30 -14.17 -8.83
N GLU B 166 29.09 -14.72 -8.87
CA GLU B 166 28.43 -15.09 -10.12
C GLU B 166 27.08 -14.39 -10.35
N ALA B 167 26.39 -14.06 -9.26
CA ALA B 167 25.08 -13.42 -9.33
C ALA B 167 25.02 -12.13 -10.16
N PRO B 168 26.10 -11.31 -10.15
CA PRO B 168 26.08 -10.12 -11.03
C PRO B 168 25.85 -10.47 -12.50
N ASP B 169 26.46 -11.56 -12.97
CA ASP B 169 26.28 -12.01 -14.36
C ASP B 169 24.86 -12.51 -14.63
N LEU B 170 24.27 -13.21 -13.66
CA LEU B 170 22.88 -13.64 -13.77
C LEU B 170 21.95 -12.45 -13.90
N VAL B 171 22.21 -11.41 -13.11
CA VAL B 171 21.44 -10.17 -13.15
C VAL B 171 21.58 -9.48 -14.50
N LEU B 172 22.83 -9.31 -14.95
CA LEU B 172 23.10 -8.63 -16.21
C LEU B 172 22.54 -9.38 -17.42
N GLN B 173 22.47 -10.70 -17.31
CA GLN B 173 21.86 -11.54 -18.35
C GLN B 173 20.34 -11.38 -18.42
N ARG B 174 19.70 -11.20 -17.26
CA ARG B 174 18.26 -11.03 -17.18
CA ARG B 174 18.25 -11.01 -17.14
C ARG B 174 17.81 -9.65 -17.67
N CYS B 175 18.57 -8.61 -17.33
CA CYS B 175 18.20 -7.24 -17.68
C CYS B 175 18.70 -6.80 -19.06
N CYS B 176 19.95 -7.13 -19.36
CA CYS B 176 20.74 -6.33 -20.27
C CYS B 176 21.49 -7.13 -21.35
N SER B 177 21.08 -8.38 -21.55
CA SER B 177 21.70 -9.24 -22.56
C SER B 177 21.16 -8.93 -23.95
N PRO B 178 22.03 -9.06 -24.97
C1 NAG C . -28.65 -5.33 17.07
C2 NAG C . -29.45 -5.78 18.30
C3 NAG C . -29.84 -7.27 18.23
C4 NAG C . -30.40 -7.68 16.88
C5 NAG C . -29.43 -7.19 15.79
C6 NAG C . -29.87 -7.58 14.38
C7 NAG C . -28.85 -4.58 20.35
C8 NAG C . -27.98 -4.60 21.57
N2 NAG C . -28.69 -5.61 19.52
O3 NAG C . -30.76 -7.53 19.26
O4 NAG C . -30.56 -9.08 16.82
O5 NAG C . -29.29 -5.78 15.88
O6 NAG C . -30.44 -6.48 13.71
O7 NAG C . -29.64 -3.65 20.17
C1 NAG C . -31.93 -9.48 17.06
C2 NAG C . -32.20 -10.80 16.33
C3 NAG C . -33.52 -11.46 16.75
C4 NAG C . -33.84 -11.33 18.24
C5 NAG C . -33.55 -9.92 18.74
C6 NAG C . -33.77 -9.80 20.24
C7 NAG C . -31.19 -10.89 14.11
C8 NAG C . -31.39 -10.61 12.65
N2 NAG C . -32.22 -10.60 14.90
O3 NAG C . -33.47 -12.83 16.40
O4 NAG C . -35.20 -11.64 18.44
O5 NAG C . -32.21 -9.60 18.44
O6 NAG C . -35.15 -9.68 20.52
O7 NAG C . -30.12 -11.35 14.52
C1 NAG D . 31.63 -3.07 6.04
C2 NAG D . 32.66 -3.45 7.11
C3 NAG D . 33.23 -2.23 7.82
C4 NAG D . 33.69 -1.16 6.83
C5 NAG D . 32.55 -0.85 5.84
C6 NAG D . 32.94 0.18 4.78
C7 NAG D . 32.25 -5.64 8.16
C8 NAG D . 31.56 -6.35 9.29
N2 NAG D . 32.06 -4.32 8.11
O3 NAG D . 34.30 -2.65 8.63
O4 NAG D . 34.09 0.00 7.54
O5 NAG D . 32.13 -2.04 5.20
O6 NAG D . 33.97 -0.36 3.96
O7 NAG D . 32.94 -6.27 7.35
C1 NAG D . 35.52 0.16 7.52
C2 NAG D . 35.89 1.63 7.78
C3 NAG D . 37.41 1.83 7.94
C4 NAG D . 38.08 0.73 8.77
C5 NAG D . 37.57 -0.66 8.39
C6 NAG D . 38.13 -1.74 9.30
C7 NAG D . 34.25 3.11 6.70
C8 NAG D . 33.94 3.94 5.50
N2 NAG D . 35.42 2.47 6.69
O3 NAG D . 37.63 3.08 8.55
O4 NAG D . 39.47 0.81 8.56
O5 NAG D . 36.16 -0.68 8.47
O6 NAG D . 38.81 -2.70 8.52
O7 NAG D . 33.45 3.06 7.64
C1 NAG E . -7.44 -11.17 20.41
C2 NAG E . -7.29 -12.40 21.30
C3 NAG E . -6.50 -13.50 20.56
C4 NAG E . -7.07 -13.77 19.17
C5 NAG E . -7.28 -12.46 18.38
C6 NAG E . -8.03 -12.71 17.07
C7 NAG E . -7.29 -11.85 23.71
C8 NAG E . -6.43 -11.58 24.92
N2 NAG E . -6.63 -12.11 22.57
O3 NAG E . -6.51 -14.69 21.32
O4 NAG E . -6.20 -14.63 18.46
O5 NAG E . -8.02 -11.54 19.16
O6 NAG E . -9.35 -13.12 17.35
O7 NAG E . -8.51 -11.82 23.82
C1 NAG F . 11.59 -2.46 16.44
C2 NAG F . 10.70 -2.18 17.66
C3 NAG F . 9.84 -0.93 17.47
C4 NAG F . 10.64 0.24 16.91
C5 NAG F . 11.41 -0.20 15.66
C6 NAG F . 12.23 0.92 15.04
C7 NAG F . 10.28 -4.36 18.70
C8 NAG F . 9.29 -5.49 18.85
N2 NAG F . 9.88 -3.34 17.92
O3 NAG F . 9.26 -0.55 18.69
O4 NAG F . 9.78 1.32 16.61
O5 NAG F . 12.26 -1.28 16.02
O6 NAG F . 13.16 1.43 15.96
O7 NAG F . 11.36 -4.41 19.26
S SO4 G . 34.43 -5.08 -17.73
O1 SO4 G . 34.14 -5.16 -19.16
O2 SO4 G . 33.19 -4.93 -16.99
O3 SO4 G . 35.11 -6.30 -17.30
O4 SO4 G . 35.29 -3.94 -17.47
#